data_3HW2
#
_entry.id   3HW2
#
_cell.length_a   91.799
_cell.length_b   110.866
_cell.length_c   44.274
_cell.angle_alpha   90.00
_cell.angle_beta   90.00
_cell.angle_gamma   90.00
#
_symmetry.space_group_name_H-M   'P 21 21 2'
#
loop_
_entity.id
_entity.type
_entity.pdbx_description
1 polymer 'Protein sifA'
2 polymer 'Pleckstrin homology domain-containing family M member 2'
#
loop_
_entity_poly.entity_id
_entity_poly.type
_entity_poly.pdbx_seq_one_letter_code
_entity_poly.pdbx_strand_id
1 'polypeptide(L)'
;MPITIGNGFLKSEILTNSPRNTKEAWWKVLWEKIKDFFFSTGKAKADRCLHEMLFAERAPTRERLTEIFFELKELACASQ
RDRFQVHNPHENDATIILRIMDQNEENELLRITQNTDTFSCEVMGNLYFLMKDRPDILKSHPQMTAMIKRRYSEIVDYPL
PSTLCLNPAGAPILSVPLDNIEGYLYTELRKGHLDGWKAQEKATYLAAKIQSGIEKTTRILHHANISESTQQNAFLETMA
MCGLKQLEIPPPHTHIPIEKMVKEVLLADKTFQAFLVTDPSTSQSMLAEIVEAISDQVFHAIFRIDPQAIQKMAEEQLTT
LHVRSEQQSGCLCCFL
;
A
2 'polypeptide(L)'
;TITKEGMLHYKAGTSYLGKEHWKTCFVVLSNGILYQYPDRTDVIPLLSVNMGGEQCGGCRRANTTDRPHAFQVILSDRPC
LELSAESEAEMAEWMQHLCQAVSKG
;
B
#
# COMPACT_ATOMS: atom_id res chain seq x y z
N ASN A 21 -4.59 -16.39 23.37
CA ASN A 21 -4.43 -17.55 22.45
C ASN A 21 -5.68 -17.81 21.59
N THR A 22 -6.59 -16.83 21.57
CA THR A 22 -7.80 -16.92 20.74
C THR A 22 -7.45 -16.65 19.28
N LYS A 23 -6.19 -16.98 18.93
CA LYS A 23 -5.61 -16.74 17.62
C LYS A 23 -6.12 -17.73 16.59
N GLU A 24 -5.88 -17.42 15.33
CA GLU A 24 -6.34 -18.25 14.22
C GLU A 24 -5.52 -19.51 14.04
N ALA A 25 -6.13 -20.52 13.45
CA ALA A 25 -5.46 -21.79 13.16
C ALA A 25 -4.02 -21.60 12.69
N TRP A 26 -3.86 -21.00 11.51
CA TRP A 26 -2.52 -20.81 10.93
C TRP A 26 -1.73 -19.69 11.63
N TRP A 27 -2.43 -18.76 12.30
CA TRP A 27 -1.75 -17.75 13.11
C TRP A 27 -0.91 -18.47 14.17
N LYS A 28 -1.58 -19.28 14.99
CA LYS A 28 -0.93 -20.07 16.04
C LYS A 28 0.31 -20.77 15.51
N VAL A 29 0.13 -21.49 14.40
CA VAL A 29 1.22 -22.19 13.73
C VAL A 29 2.36 -21.23 13.37
N LEU A 30 2.07 -20.21 12.55
CA LEU A 30 3.08 -19.24 12.13
C LEU A 30 3.83 -18.70 13.32
N TRP A 31 3.07 -18.25 14.31
CA TRP A 31 3.64 -17.75 15.53
C TRP A 31 4.69 -18.72 16.02
N GLU A 32 4.30 -19.98 16.15
CA GLU A 32 5.14 -20.98 16.79
C GLU A 32 6.49 -21.22 16.12
N LYS A 33 6.66 -20.70 14.90
CA LYS A 33 7.93 -20.87 14.18
C LYS A 33 8.72 -19.57 14.12
N ILE A 34 8.16 -18.53 14.76
CA ILE A 34 8.63 -17.15 14.61
C ILE A 34 8.68 -16.46 15.98
N LYS A 35 7.83 -16.94 16.88
CA LYS A 35 7.76 -16.48 18.27
C LYS A 35 9.13 -16.24 18.91
N ASP A 36 10.19 -16.77 18.31
CA ASP A 36 11.52 -16.68 18.93
C ASP A 36 12.52 -15.84 18.14
N PHE A 37 12.00 -15.05 17.19
CA PHE A 37 12.73 -13.96 16.57
C PHE A 37 12.61 -12.72 17.45
N PHE A 38 11.52 -12.66 18.21
CA PHE A 38 11.15 -11.47 18.96
C PHE A 38 11.29 -11.66 20.46
N PHE A 39 11.96 -10.71 21.09
CA PHE A 39 12.14 -10.74 22.55
C PHE A 39 11.33 -9.66 23.27
N SER A 40 11.03 -9.92 24.55
CA SER A 40 10.28 -9.02 25.46
C SER A 40 9.09 -8.28 24.82
N THR A 41 9.28 -7.00 24.51
CA THR A 41 8.24 -6.20 23.89
C THR A 41 8.13 -6.52 22.40
N GLY A 42 9.26 -6.79 21.76
CA GLY A 42 9.27 -7.17 20.36
C GLY A 42 8.24 -8.23 20.10
N LYS A 43 8.07 -9.13 21.07
CA LYS A 43 7.19 -10.28 20.97
C LYS A 43 5.73 -9.88 20.84
N ALA A 44 5.20 -9.15 21.81
CA ALA A 44 3.80 -8.72 21.79
C ALA A 44 3.46 -7.80 20.61
N LYS A 45 4.38 -6.88 20.29
CA LYS A 45 4.17 -5.94 19.18
C LYS A 45 4.17 -6.63 17.82
N ALA A 46 5.04 -7.61 17.65
CA ALA A 46 5.11 -8.40 16.42
C ALA A 46 3.79 -9.10 16.13
N ASP A 47 3.16 -9.56 17.20
CA ASP A 47 1.90 -10.29 17.18
C ASP A 47 0.76 -9.46 16.58
N ARG A 48 0.70 -8.19 16.95
CA ARG A 48 -0.32 -7.28 16.42
C ARG A 48 0.02 -6.80 15.04
N CYS A 49 1.31 -6.84 14.71
CA CYS A 49 1.74 -6.65 13.34
C CYS A 49 1.15 -7.75 12.48
N LEU A 50 1.40 -8.99 12.88
CA LEU A 50 0.78 -10.14 12.24
C LEU A 50 -0.74 -10.00 12.26
N HIS A 51 -1.26 -9.29 13.26
CA HIS A 51 -2.69 -9.12 13.29
C HIS A 51 -3.17 -8.17 12.20
N GLU A 52 -2.83 -6.89 12.31
CA GLU A 52 -3.18 -5.92 11.28
C GLU A 52 -3.01 -6.57 9.90
N MET A 53 -1.88 -7.26 9.74
CA MET A 53 -1.53 -7.90 8.50
C MET A 53 -2.55 -8.92 8.00
N LEU A 54 -2.84 -9.93 8.78
CA LEU A 54 -3.58 -11.05 8.20
C LEU A 54 -4.98 -11.21 8.73
N PHE A 55 -5.21 -10.79 9.96
CA PHE A 55 -6.44 -11.14 10.66
C PHE A 55 -7.18 -9.92 11.22
N ALA A 56 -7.16 -8.83 10.48
CA ALA A 56 -7.95 -7.67 10.84
C ALA A 56 -9.24 -7.68 10.04
N GLU A 57 -10.23 -6.92 10.51
CA GLU A 57 -11.50 -6.68 9.79
C GLU A 57 -11.34 -6.68 8.26
N ARG A 58 -10.24 -6.09 7.79
CA ARG A 58 -9.94 -5.91 6.39
C ARG A 58 -8.46 -6.18 6.19
N ALA A 59 -8.02 -6.32 4.94
CA ALA A 59 -6.61 -6.57 4.65
C ALA A 59 -5.85 -5.27 4.37
N PRO A 60 -4.53 -5.27 4.66
CA PRO A 60 -3.69 -4.09 4.56
C PRO A 60 -3.67 -3.47 3.18
N THR A 61 -3.26 -2.21 3.14
CA THR A 61 -2.93 -1.55 1.89
C THR A 61 -1.58 -2.04 1.41
N ARG A 62 -1.45 -2.16 0.09
CA ARG A 62 -0.18 -2.50 -0.58
C ARG A 62 1.03 -1.84 0.11
N GLU A 63 0.92 -0.53 0.37
CA GLU A 63 1.99 0.21 1.03
C GLU A 63 2.06 -0.09 2.55
N ARG A 64 0.93 -0.27 3.19
CA ARG A 64 0.98 -0.61 4.62
C ARG A 64 1.58 -2.00 4.83
N LEU A 65 1.15 -2.96 4.03
CA LEU A 65 1.64 -4.34 4.11
C LEU A 65 3.17 -4.37 4.07
N THR A 66 3.75 -3.49 3.26
CA THR A 66 5.20 -3.35 3.15
C THR A 66 5.78 -2.70 4.40
N GLU A 67 5.06 -1.77 5.02
CA GLU A 67 5.51 -1.22 6.30
C GLU A 67 5.54 -2.32 7.36
N ILE A 68 4.47 -3.10 7.41
CA ILE A 68 4.30 -4.12 8.42
C ILE A 68 5.47 -5.10 8.42
N PHE A 69 5.94 -5.43 7.21
CA PHE A 69 7.05 -6.35 7.01
C PHE A 69 8.29 -5.81 7.70
N PHE A 70 8.68 -4.59 7.34
CA PHE A 70 9.91 -4.02 7.85
C PHE A 70 9.76 -3.49 9.26
N GLU A 71 8.53 -3.54 9.77
CA GLU A 71 8.26 -3.34 11.19
C GLU A 71 8.66 -4.60 11.95
N LEU A 72 8.40 -5.75 11.32
CA LEU A 72 8.80 -7.04 11.87
C LEU A 72 10.31 -7.19 11.85
N LYS A 73 10.90 -6.98 10.67
CA LYS A 73 12.34 -7.07 10.50
C LYS A 73 13.08 -6.22 11.54
N GLU A 74 12.55 -5.03 11.82
CA GLU A 74 13.10 -4.18 12.87
C GLU A 74 13.04 -4.92 14.19
N LEU A 75 11.91 -5.58 14.44
CA LEU A 75 11.69 -6.27 15.70
C LEU A 75 12.46 -7.59 15.87
N ALA A 76 13.02 -8.11 14.77
CA ALA A 76 13.73 -9.40 14.81
C ALA A 76 15.15 -9.26 15.32
N CYS A 77 15.62 -10.28 16.04
CA CYS A 77 17.00 -10.32 16.54
C CYS A 77 17.96 -10.12 15.39
N ALA A 78 18.99 -9.29 15.59
CA ALA A 78 19.96 -9.02 14.54
C ALA A 78 20.37 -10.30 13.79
N SER A 79 20.53 -11.39 14.54
CA SER A 79 20.87 -12.70 14.00
C SER A 79 19.84 -13.21 13.00
N GLN A 80 18.56 -13.02 13.31
CA GLN A 80 17.45 -13.54 12.51
C GLN A 80 16.96 -12.61 11.39
N ARG A 81 17.75 -11.59 11.06
CA ARG A 81 17.37 -10.65 10.00
C ARG A 81 17.76 -11.12 8.60
N ASP A 82 18.75 -11.99 8.52
CA ASP A 82 19.08 -12.66 7.27
C ASP A 82 17.89 -13.50 6.78
N ARG A 83 16.89 -13.66 7.65
CA ARG A 83 15.67 -14.36 7.29
C ARG A 83 14.65 -13.45 6.58
N PHE A 84 14.90 -12.15 6.60
CA PHE A 84 13.96 -11.21 5.97
C PHE A 84 14.52 -10.73 4.64
N GLN A 85 14.11 -11.39 3.57
CA GLN A 85 14.69 -11.16 2.24
C GLN A 85 13.68 -10.68 1.20
N VAL A 86 14.15 -9.79 0.33
CA VAL A 86 13.35 -9.06 -0.64
C VAL A 86 14.06 -9.11 -1.99
N HIS A 87 13.35 -9.46 -3.06
CA HIS A 87 13.97 -9.60 -4.39
C HIS A 87 12.97 -9.52 -5.55
N ASN A 88 13.41 -9.00 -6.68
CA ASN A 88 12.65 -9.08 -7.93
C ASN A 88 13.07 -10.29 -8.73
N PRO A 89 12.15 -11.24 -8.94
CA PRO A 89 12.49 -12.41 -9.75
C PRO A 89 13.09 -11.98 -11.09
N HIS A 90 14.11 -12.71 -11.54
CA HIS A 90 14.83 -12.42 -12.79
C HIS A 90 15.44 -11.01 -12.77
N GLU A 91 15.56 -10.44 -11.57
CA GLU A 91 15.94 -9.03 -11.36
C GLU A 91 14.98 -8.06 -12.07
N ASN A 92 13.84 -8.57 -12.54
CA ASN A 92 12.86 -7.79 -13.27
C ASN A 92 11.92 -7.04 -12.32
N ASP A 93 11.92 -5.71 -12.43
CA ASP A 93 11.15 -4.84 -11.54
C ASP A 93 9.70 -5.22 -11.34
N ALA A 94 8.99 -5.41 -12.45
CA ALA A 94 7.53 -5.51 -12.44
C ALA A 94 6.93 -6.25 -11.23
N THR A 95 7.76 -7.04 -10.57
CA THR A 95 7.37 -7.75 -9.36
C THR A 95 8.47 -7.67 -8.29
N ILE A 96 8.03 -7.55 -7.03
CA ILE A 96 8.91 -7.52 -5.87
C ILE A 96 8.32 -8.42 -4.80
N ILE A 97 9.10 -9.44 -4.42
CA ILE A 97 8.64 -10.45 -3.48
C ILE A 97 9.26 -10.22 -2.11
N LEU A 98 8.43 -10.26 -1.08
CA LEU A 98 8.90 -10.16 0.30
C LEU A 98 8.60 -11.48 0.99
N ARG A 99 9.55 -11.98 1.78
CA ARG A 99 9.43 -13.31 2.37
C ARG A 99 10.19 -13.52 3.66
N ILE A 100 9.66 -14.43 4.49
CA ILE A 100 10.32 -14.88 5.72
C ILE A 100 10.70 -16.35 5.60
N MET A 101 11.99 -16.63 5.83
CA MET A 101 12.55 -17.98 5.68
C MET A 101 12.85 -18.65 7.02
N ASP A 102 12.54 -19.94 7.10
CA ASP A 102 12.83 -20.75 8.28
C ASP A 102 14.34 -20.80 8.55
N GLN A 103 14.73 -21.32 9.72
CA GLN A 103 16.14 -21.40 10.12
C GLN A 103 17.07 -21.98 9.06
N ASN A 104 16.64 -23.07 8.43
CA ASN A 104 17.43 -23.76 7.42
C ASN A 104 17.04 -23.35 6.00
N GLU A 105 16.56 -22.12 5.85
CA GLU A 105 16.09 -21.63 4.55
C GLU A 105 15.37 -22.73 3.74
N GLU A 106 14.69 -23.61 4.47
CA GLU A 106 13.85 -24.65 3.89
C GLU A 106 12.40 -24.21 3.98
N ASN A 107 11.83 -23.82 2.84
CA ASN A 107 10.44 -23.36 2.75
C ASN A 107 10.14 -21.98 3.41
N GLU A 108 9.15 -21.29 2.85
CA GLU A 108 8.79 -19.94 3.26
C GLU A 108 7.61 -19.92 4.23
N LEU A 109 7.83 -19.38 5.42
CA LEU A 109 6.78 -19.20 6.39
C LEU A 109 5.80 -18.13 5.87
N LEU A 110 6.34 -16.95 5.54
CA LEU A 110 5.55 -15.84 5.04
C LEU A 110 6.05 -15.34 3.70
N ARG A 111 5.14 -15.18 2.75
CA ARG A 111 5.49 -14.70 1.43
C ARG A 111 4.52 -13.62 0.99
N ILE A 112 5.05 -12.46 0.66
CA ILE A 112 4.23 -11.40 0.11
C ILE A 112 4.75 -11.15 -1.31
N THR A 113 3.82 -11.06 -2.25
CA THR A 113 4.13 -10.85 -3.64
C THR A 113 3.43 -9.60 -4.10
N GLN A 114 4.18 -8.68 -4.70
CA GLN A 114 3.63 -7.43 -5.22
C GLN A 114 3.92 -7.21 -6.70
N ASN A 115 2.87 -7.25 -7.52
CA ASN A 115 2.93 -6.96 -8.94
C ASN A 115 2.62 -5.52 -9.24
N THR A 116 2.01 -5.32 -10.41
CA THR A 116 1.74 -3.98 -10.92
C THR A 116 0.48 -3.36 -10.34
N ASP A 117 -0.58 -4.15 -10.24
CA ASP A 117 -1.83 -3.68 -9.67
C ASP A 117 -2.43 -4.67 -8.67
N THR A 118 -1.72 -5.77 -8.41
CA THR A 118 -2.16 -6.75 -7.41
C THR A 118 -1.07 -7.07 -6.43
N PHE A 119 -1.48 -7.44 -5.23
CA PHE A 119 -0.56 -7.99 -4.24
C PHE A 119 -1.22 -9.12 -3.50
N SER A 120 -0.42 -10.07 -3.05
CA SER A 120 -0.98 -11.22 -2.36
C SER A 120 -0.06 -11.68 -1.24
N CYS A 121 -0.64 -12.40 -0.29
CA CYS A 121 0.10 -12.89 0.86
C CYS A 121 -0.11 -14.35 1.17
N GLU A 122 1.01 -15.04 1.30
CA GLU A 122 1.03 -16.46 1.60
C GLU A 122 1.58 -16.69 3.00
N VAL A 123 1.02 -17.68 3.68
CA VAL A 123 1.48 -18.12 4.98
C VAL A 123 1.56 -19.62 4.90
N MET A 124 2.74 -20.18 5.16
CA MET A 124 2.97 -21.63 5.05
C MET A 124 2.57 -22.14 3.66
N GLY A 125 2.52 -21.24 2.70
CA GLY A 125 2.07 -21.59 1.36
C GLY A 125 0.56 -21.70 1.22
N ASN A 126 -0.18 -21.18 2.20
CA ASN A 126 -1.62 -21.01 2.03
C ASN A 126 -1.84 -19.63 1.45
N LEU A 127 -2.62 -19.54 0.40
CA LEU A 127 -2.93 -18.22 -0.13
C LEU A 127 -3.88 -17.56 0.84
N TYR A 128 -3.42 -16.49 1.50
CA TYR A 128 -4.24 -15.85 2.53
C TYR A 128 -5.10 -14.71 2.04
N PHE A 129 -4.59 -13.94 1.09
CA PHE A 129 -5.36 -12.93 0.38
C PHE A 129 -4.70 -12.45 -0.92
N LEU A 130 -5.52 -12.18 -1.92
CA LEU A 130 -5.05 -11.43 -3.06
C LEU A 130 -5.88 -10.18 -3.11
N MET A 131 -5.19 -9.05 -3.19
CA MET A 131 -5.87 -7.77 -3.36
C MET A 131 -5.47 -7.11 -4.68
N LYS A 132 -6.45 -6.44 -5.26
CA LYS A 132 -6.26 -5.61 -6.42
C LYS A 132 -6.45 -4.18 -5.95
N ASP A 133 -5.37 -3.40 -5.95
CA ASP A 133 -5.50 -1.95 -5.77
C ASP A 133 -5.27 -1.21 -7.10
N ARG A 134 -5.37 0.11 -7.12
CA ARG A 134 -5.24 0.86 -8.37
C ARG A 134 -4.07 1.82 -8.26
N PRO A 135 -2.90 1.40 -8.77
CA PRO A 135 -1.59 2.01 -8.54
C PRO A 135 -1.24 3.20 -9.44
N ASP A 136 -2.24 3.82 -10.06
CA ASP A 136 -2.03 5.01 -10.87
C ASP A 136 -1.75 6.21 -9.96
N ILE A 137 -0.52 6.72 -10.01
CA ILE A 137 -0.16 7.97 -9.33
C ILE A 137 -0.68 9.19 -10.09
N LEU A 138 -1.02 8.98 -11.37
CA LEU A 138 -1.61 10.02 -12.20
C LEU A 138 -3.11 9.81 -12.36
N LYS A 139 -3.85 10.24 -11.34
CA LYS A 139 -5.30 10.05 -11.33
C LYS A 139 -6.05 11.30 -11.75
N SER A 140 -5.54 12.46 -11.36
CA SER A 140 -6.06 13.75 -11.84
C SER A 140 -6.06 13.77 -13.37
N HIS A 141 -5.50 12.72 -13.95
CA HIS A 141 -5.41 12.56 -15.38
C HIS A 141 -5.97 11.20 -15.75
N PRO A 142 -7.10 11.19 -16.48
CA PRO A 142 -7.82 9.97 -16.86
C PRO A 142 -7.27 9.37 -18.15
N GLN A 143 -6.47 10.17 -18.85
CA GLN A 143 -5.82 9.80 -20.10
C GLN A 143 -4.59 8.95 -19.82
N MET A 144 -4.08 9.07 -18.60
CA MET A 144 -2.71 8.68 -18.28
C MET A 144 -2.55 7.65 -17.17
N THR A 145 -2.00 6.50 -17.53
CA THR A 145 -1.49 5.53 -16.59
C THR A 145 -0.07 5.95 -16.19
N ALA A 146 0.25 5.80 -14.91
CA ALA A 146 1.60 6.00 -14.41
C ALA A 146 1.84 5.20 -13.12
N MET A 147 2.71 4.20 -13.21
CA MET A 147 3.02 3.33 -12.08
C MET A 147 4.47 3.46 -11.62
N ILE A 148 4.70 3.20 -10.34
CA ILE A 148 6.06 3.10 -9.81
C ILE A 148 6.40 1.63 -9.54
N LYS A 149 7.54 1.21 -10.06
CA LYS A 149 8.09 -0.13 -9.83
C LYS A 149 9.21 -0.01 -8.80
N ARG A 150 9.24 -0.95 -7.87
CA ARG A 150 10.16 -0.85 -6.75
C ARG A 150 11.04 -2.07 -6.66
N ARG A 151 12.26 -1.86 -6.18
CA ARG A 151 13.14 -2.95 -5.82
C ARG A 151 13.97 -2.58 -4.58
N TYR A 152 14.39 -3.59 -3.82
CA TYR A 152 14.95 -3.40 -2.49
C TYR A 152 16.22 -2.57 -2.48
N SER A 153 16.30 -1.61 -1.56
CA SER A 153 17.52 -0.83 -1.37
C SER A 153 18.15 -1.12 -0.01
N GLU A 154 19.45 -1.43 -0.05
CA GLU A 154 20.20 -1.87 1.11
C GLU A 154 20.57 -0.69 2.03
N ILE A 155 20.76 0.48 1.43
CA ILE A 155 21.10 1.70 2.15
C ILE A 155 19.95 2.22 3.01
N VAL A 156 18.73 1.85 2.66
CA VAL A 156 17.56 2.35 3.37
C VAL A 156 16.74 1.23 4.02
N ASP A 157 17.14 0.00 3.74
CA ASP A 157 16.50 -1.20 4.31
C ASP A 157 15.03 -1.23 3.98
N TYR A 158 14.70 -0.89 2.74
CA TYR A 158 13.33 -0.79 2.26
C TYR A 158 13.34 -0.74 0.74
N PRO A 159 12.22 -1.12 0.10
CA PRO A 159 12.07 -0.85 -1.33
C PRO A 159 12.04 0.64 -1.67
N LEU A 160 12.33 0.94 -2.92
CA LEU A 160 12.55 2.28 -3.40
C LEU A 160 12.00 2.35 -4.80
N PRO A 161 11.49 3.52 -5.21
CA PRO A 161 11.10 3.67 -6.62
C PRO A 161 12.27 3.47 -7.58
N SER A 162 12.23 2.37 -8.33
CA SER A 162 13.34 1.97 -9.19
C SER A 162 13.05 2.11 -10.68
N THR A 163 11.78 2.09 -11.06
CA THR A 163 11.37 2.32 -12.44
C THR A 163 9.96 2.92 -12.55
N LEU A 164 9.81 3.86 -13.50
CA LEU A 164 8.53 4.49 -13.79
C LEU A 164 7.86 3.84 -15.00
N CYS A 165 6.55 3.62 -14.88
CA CYS A 165 5.76 3.09 -15.98
C CYS A 165 4.76 4.12 -16.44
N LEU A 166 4.92 4.55 -17.70
CA LEU A 166 4.02 5.53 -18.32
C LEU A 166 3.28 4.93 -19.51
N ASN A 167 1.96 4.82 -19.39
CA ASN A 167 1.11 4.34 -20.45
C ASN A 167 0.29 5.47 -21.06
N PRO A 168 0.76 6.05 -22.18
CA PRO A 168 -0.03 7.03 -22.92
C PRO A 168 -1.05 6.33 -23.82
N ALA A 169 -1.94 7.12 -24.41
CA ALA A 169 -2.79 6.63 -25.48
C ALA A 169 -2.03 6.69 -26.79
N GLY A 170 -0.99 7.52 -26.82
CA GLY A 170 -0.20 7.76 -28.03
C GLY A 170 0.99 6.84 -28.20
N ALA A 171 1.66 6.50 -27.09
CA ALA A 171 2.88 5.69 -27.15
C ALA A 171 2.78 4.40 -26.32
N PRO A 172 3.45 3.32 -26.76
CA PRO A 172 3.53 2.10 -25.94
C PRO A 172 4.28 2.36 -24.64
N ILE A 173 3.89 1.65 -23.56
CA ILE A 173 4.39 1.92 -22.21
C ILE A 173 5.90 2.17 -22.16
N LEU A 174 6.25 3.45 -22.00
CA LEU A 174 7.64 3.84 -21.81
C LEU A 174 8.03 3.55 -20.37
N SER A 175 9.18 2.93 -20.19
CA SER A 175 9.74 2.78 -18.85
C SER A 175 10.86 3.80 -18.65
N VAL A 176 11.09 4.19 -17.40
CA VAL A 176 12.14 5.16 -17.05
C VAL A 176 12.92 4.65 -15.84
N PRO A 177 14.19 4.26 -16.04
CA PRO A 177 15.02 3.79 -14.93
C PRO A 177 15.26 4.87 -13.88
N LEU A 178 15.39 4.45 -12.61
CA LEU A 178 15.51 5.39 -11.47
C LEU A 178 16.62 5.00 -10.49
N ASP A 179 17.42 4.00 -10.84
CA ASP A 179 18.47 3.48 -9.97
C ASP A 179 19.34 4.57 -9.36
N ASN A 180 19.27 5.76 -9.93
CA ASN A 180 20.18 6.85 -9.59
C ASN A 180 19.60 7.94 -8.68
N ILE A 181 18.41 7.69 -8.13
CA ILE A 181 17.95 8.45 -6.96
C ILE A 181 18.60 7.76 -5.75
N GLU A 182 18.69 6.44 -5.82
CA GLU A 182 19.45 5.65 -4.87
C GLU A 182 20.95 5.97 -4.96
N GLY A 183 21.46 6.10 -6.19
CA GLY A 183 22.87 6.41 -6.43
C GLY A 183 23.32 7.73 -5.81
N TYR A 184 22.39 8.68 -5.74
CA TYR A 184 22.63 9.97 -5.11
C TYR A 184 22.86 9.85 -3.61
N LEU A 185 22.39 8.76 -3.03
CA LEU A 185 22.53 8.54 -1.58
C LEU A 185 23.79 7.78 -1.22
N TYR A 186 24.14 6.78 -2.03
CA TYR A 186 25.42 6.10 -1.86
C TYR A 186 26.56 7.09 -1.99
N THR A 187 26.34 8.13 -2.78
CA THR A 187 27.29 9.23 -2.94
C THR A 187 27.30 10.13 -1.69
N GLU A 188 26.16 10.25 -1.02
CA GLU A 188 26.03 11.06 0.19
C GLU A 188 26.49 10.33 1.45
N LEU A 189 26.40 8.99 1.42
CA LEU A 189 26.91 8.15 2.49
C LEU A 189 28.43 8.20 2.44
N ARG A 190 28.97 8.07 1.24
CA ARG A 190 30.42 8.06 1.03
C ARG A 190 31.01 9.47 1.02
N LYS A 191 30.29 10.43 1.62
CA LYS A 191 30.79 11.79 1.88
C LYS A 191 30.89 11.98 3.40
N GLY A 192 30.67 13.21 3.88
CA GLY A 192 30.33 13.41 5.29
C GLY A 192 29.42 12.24 5.57
N HIS A 193 29.41 11.67 6.79
CA HIS A 193 28.85 10.35 6.98
C HIS A 193 27.29 10.43 7.14
N LEU A 194 26.61 10.66 6.00
CA LEU A 194 25.11 10.69 5.80
C LEU A 194 24.13 11.46 6.71
N ASP A 195 23.79 10.92 7.88
CA ASP A 195 22.80 11.50 8.81
C ASP A 195 22.65 13.02 8.71
N GLY A 196 23.74 13.70 8.38
CA GLY A 196 23.74 15.14 8.10
C GLY A 196 22.77 15.53 6.99
N TRP A 197 22.83 14.80 5.87
CA TRP A 197 21.85 14.92 4.78
C TRP A 197 20.46 14.47 5.26
N LYS A 198 20.44 13.45 6.12
CA LYS A 198 19.20 12.88 6.65
C LYS A 198 18.55 13.80 7.69
N ALA A 199 19.34 14.74 8.21
CA ALA A 199 18.85 15.73 9.16
C ALA A 199 18.08 16.82 8.43
N GLN A 200 18.74 17.42 7.44
CA GLN A 200 18.21 18.55 6.69
C GLN A 200 16.90 18.22 5.99
N GLU A 201 16.88 17.10 5.28
CA GLU A 201 15.73 16.78 4.44
C GLU A 201 14.46 16.59 5.26
N LYS A 202 14.48 15.67 6.23
CA LYS A 202 13.32 15.42 7.08
C LYS A 202 12.71 16.71 7.60
N ALA A 203 13.54 17.73 7.81
CA ALA A 203 13.11 19.00 8.37
C ALA A 203 12.76 20.04 7.31
N THR A 204 13.29 19.86 6.10
CA THR A 204 12.89 20.67 4.96
C THR A 204 11.59 20.12 4.41
N TYR A 205 11.64 18.86 4.01
CA TYR A 205 10.57 18.22 3.26
C TYR A 205 9.20 18.34 3.92
N LEU A 206 9.17 18.13 5.23
CA LEU A 206 7.89 18.15 5.95
C LEU A 206 7.41 19.56 6.23
N ALA A 207 8.36 20.50 6.34
CA ALA A 207 8.02 21.92 6.44
C ALA A 207 7.37 22.37 5.13
N ALA A 208 7.90 21.89 4.01
CA ALA A 208 7.33 22.13 2.69
C ALA A 208 5.92 21.55 2.57
N LYS A 209 5.76 20.35 3.13
CA LYS A 209 4.53 19.58 3.03
C LYS A 209 3.41 20.24 3.82
N ILE A 210 3.74 20.71 5.02
CA ILE A 210 2.76 21.36 5.86
C ILE A 210 2.37 22.68 5.23
N GLN A 211 3.38 23.50 4.94
CA GLN A 211 3.19 24.75 4.20
C GLN A 211 2.18 24.55 3.08
N SER A 212 2.53 23.70 2.13
CA SER A 212 1.65 23.35 1.01
C SER A 212 0.24 23.10 1.51
N GLY A 213 0.11 22.09 2.37
CA GLY A 213 -1.18 21.69 2.92
C GLY A 213 -2.02 22.85 3.39
N ILE A 214 -1.38 23.79 4.07
CA ILE A 214 -2.08 24.93 4.61
C ILE A 214 -2.67 25.78 3.49
N GLU A 215 -1.80 26.35 2.66
CA GLU A 215 -2.23 27.22 1.56
C GLU A 215 -3.34 26.57 0.75
N LYS A 216 -3.16 25.28 0.45
CA LYS A 216 -4.09 24.53 -0.36
C LYS A 216 -5.50 24.53 0.22
N THR A 217 -5.62 24.40 1.54
CA THR A 217 -6.95 24.40 2.16
C THR A 217 -7.57 25.80 2.26
N THR A 218 -6.73 26.83 2.28
CA THR A 218 -7.23 28.21 2.28
C THR A 218 -7.75 28.60 0.90
N ARG A 219 -7.17 28.02 -0.14
CA ARG A 219 -7.61 28.25 -1.52
C ARG A 219 -8.99 27.63 -1.77
N ILE A 220 -9.20 26.40 -1.30
CA ILE A 220 -10.49 25.74 -1.46
C ILE A 220 -11.55 26.35 -0.53
N LEU A 221 -11.14 26.74 0.67
CA LEU A 221 -12.01 27.43 1.61
C LEU A 221 -11.80 28.93 1.54
N HIS A 222 -11.86 29.49 0.33
CA HIS A 222 -11.64 30.91 0.16
C HIS A 222 -12.64 31.71 0.98
N HIS A 223 -13.91 31.30 0.90
CA HIS A 223 -15.04 32.02 1.49
C HIS A 223 -15.00 32.15 3.00
N ALA A 224 -14.67 31.06 3.70
CA ALA A 224 -14.35 31.12 5.11
C ALA A 224 -13.12 32.00 5.22
N ASN A 225 -13.12 32.89 6.20
CA ASN A 225 -12.16 33.96 6.23
C ASN A 225 -10.89 33.64 7.03
N ILE A 226 -10.30 32.47 6.78
CA ILE A 226 -9.10 32.03 7.50
C ILE A 226 -8.01 33.09 7.50
N SER A 227 -7.67 33.55 8.70
CA SER A 227 -6.69 34.61 8.88
C SER A 227 -5.31 34.15 8.45
N GLU A 228 -4.37 35.08 8.37
CA GLU A 228 -2.98 34.77 8.10
C GLU A 228 -2.33 34.26 9.39
N SER A 229 -2.94 34.62 10.52
CA SER A 229 -2.48 34.16 11.83
C SER A 229 -2.78 32.67 12.00
N THR A 230 -4.03 32.28 11.79
CA THR A 230 -4.43 30.87 11.82
C THR A 230 -3.50 30.05 10.91
N GLN A 231 -3.34 30.50 9.67
CA GLN A 231 -2.38 29.92 8.72
C GLN A 231 -1.01 29.77 9.33
N GLN A 232 -0.51 30.85 9.93
CA GLN A 232 0.78 30.82 10.59
C GLN A 232 0.75 29.93 11.83
N ASN A 233 -0.23 30.16 12.70
CA ASN A 233 -0.35 29.43 13.97
C ASN A 233 -0.55 27.92 13.83
N ALA A 234 -1.12 27.50 12.72
CA ALA A 234 -1.30 26.07 12.46
C ALA A 234 -0.03 25.47 11.90
N PHE A 235 0.67 26.23 11.05
CA PHE A 235 1.91 25.74 10.49
C PHE A 235 2.85 25.37 11.62
N LEU A 236 2.97 26.27 12.60
CA LEU A 236 3.85 26.07 13.76
C LEU A 236 3.41 24.91 14.66
N GLU A 237 2.11 24.66 14.70
CA GLU A 237 1.49 23.61 15.52
C GLU A 237 1.87 22.19 15.11
N THR A 238 1.86 21.93 13.81
CA THR A 238 2.22 20.63 13.27
C THR A 238 3.73 20.48 13.26
N MET A 239 4.44 21.56 12.96
CA MET A 239 5.88 21.56 13.07
C MET A 239 6.28 21.14 14.49
N ALA A 240 5.49 21.58 15.46
CA ALA A 240 5.66 21.18 16.85
C ALA A 240 5.32 19.70 17.06
N MET A 241 4.06 19.33 16.84
CA MET A 241 3.57 17.97 17.10
C MET A 241 4.38 16.89 16.42
N CYS A 242 5.14 17.28 15.41
CA CYS A 242 6.03 16.36 14.74
C CYS A 242 7.43 16.46 15.30
N GLY A 243 7.72 17.60 15.93
CA GLY A 243 8.99 17.84 16.61
C GLY A 243 10.02 18.38 15.66
N LEU A 244 9.54 19.04 14.61
CA LEU A 244 10.39 19.51 13.54
C LEU A 244 10.79 20.97 13.74
N LYS A 245 11.96 21.31 13.21
CA LYS A 245 12.55 22.61 13.41
C LYS A 245 12.91 23.25 12.06
N GLN A 246 12.96 24.59 12.00
CA GLN A 246 13.17 25.26 10.72
C GLN A 246 14.53 25.97 10.52
N LEU A 247 15.59 25.17 10.64
CA LEU A 247 16.90 25.48 10.09
C LEU A 247 17.34 24.22 9.32
N GLU A 248 17.29 24.20 7.99
CA GLU A 248 16.75 25.25 7.10
C GLU A 248 17.44 26.62 7.24
N ILE A 249 16.64 27.68 7.24
CA ILE A 249 17.09 29.08 7.12
C ILE A 249 18.48 29.35 7.73
N PRO A 250 19.45 29.79 6.89
CA PRO A 250 19.41 29.87 5.43
C PRO A 250 19.94 28.57 4.79
N PRO A 251 19.08 27.86 4.05
CA PRO A 251 19.22 26.43 3.68
C PRO A 251 20.58 26.02 3.09
N PRO A 252 21.48 25.44 3.93
CA PRO A 252 22.83 25.07 3.49
C PRO A 252 22.79 24.31 2.16
N HIS A 253 23.60 24.77 1.21
CA HIS A 253 23.47 24.33 -0.18
C HIS A 253 24.33 23.12 -0.56
N THR A 254 25.24 22.73 0.32
CA THR A 254 26.03 21.50 0.15
C THR A 254 25.14 20.25 0.21
N HIS A 255 23.82 20.46 0.16
CA HIS A 255 22.81 19.44 0.40
C HIS A 255 21.81 19.36 -0.77
N ILE A 256 21.79 18.21 -1.45
CA ILE A 256 20.95 18.00 -2.64
C ILE A 256 19.58 17.38 -2.25
N PRO A 257 18.48 18.15 -2.43
CA PRO A 257 17.14 17.68 -2.01
C PRO A 257 16.55 16.61 -2.92
N ILE A 258 15.74 15.72 -2.34
CA ILE A 258 15.11 14.62 -3.08
C ILE A 258 14.29 15.13 -4.25
N GLU A 259 13.53 16.19 -3.98
CA GLU A 259 12.72 16.85 -4.99
C GLU A 259 13.53 17.05 -6.27
N LYS A 260 14.65 17.75 -6.12
CA LYS A 260 15.58 18.02 -7.20
C LYS A 260 16.18 16.69 -7.72
N MET A 261 16.73 15.90 -6.80
CA MET A 261 17.27 14.58 -7.13
C MET A 261 16.46 13.88 -8.20
N VAL A 262 15.14 13.88 -8.02
CA VAL A 262 14.20 13.23 -8.94
C VAL A 262 14.14 13.94 -10.29
N LYS A 263 13.93 15.25 -10.27
CA LYS A 263 13.91 16.03 -11.49
C LYS A 263 15.13 15.72 -12.34
N GLU A 264 16.29 15.63 -11.68
CA GLU A 264 17.58 15.34 -12.32
C GLU A 264 17.58 13.97 -13.01
N VAL A 265 17.25 12.93 -12.27
CA VAL A 265 17.22 11.57 -12.80
C VAL A 265 16.00 11.35 -13.71
N LEU A 266 15.58 12.44 -14.35
CA LEU A 266 14.55 12.41 -15.37
C LEU A 266 14.93 13.29 -16.56
N LEU A 267 15.91 14.17 -16.33
CA LEU A 267 16.41 15.09 -17.35
C LEU A 267 17.07 14.36 -18.52
N ALA A 268 17.93 13.38 -18.22
CA ALA A 268 18.70 12.66 -19.25
C ALA A 268 18.02 11.38 -19.76
N ASP A 269 16.80 11.53 -20.27
CA ASP A 269 16.08 10.43 -20.93
C ASP A 269 15.54 10.88 -22.27
N LYS A 270 16.17 10.41 -23.35
CA LYS A 270 15.68 10.65 -24.71
C LYS A 270 14.32 9.97 -24.90
N THR A 271 13.90 9.26 -23.86
CA THR A 271 12.60 8.61 -23.77
C THR A 271 11.60 9.52 -23.08
N PHE A 272 11.98 10.00 -21.89
CA PHE A 272 11.07 10.78 -21.04
C PHE A 272 11.10 12.26 -21.36
N GLN A 273 12.29 12.85 -21.50
CA GLN A 273 12.39 14.27 -21.78
C GLN A 273 11.51 14.61 -22.99
N ALA A 274 11.70 13.86 -24.07
CA ALA A 274 10.96 14.08 -25.32
C ALA A 274 9.48 13.71 -25.18
N PHE A 275 9.15 12.87 -24.20
CA PHE A 275 7.76 12.55 -23.91
C PHE A 275 7.00 13.77 -23.41
N LEU A 276 7.59 14.49 -22.46
CA LEU A 276 6.94 15.63 -21.79
C LEU A 276 6.40 16.63 -22.80
N VAL A 277 7.12 16.72 -23.92
CA VAL A 277 6.80 17.66 -24.98
C VAL A 277 5.89 16.98 -26.01
N THR A 278 4.85 16.29 -25.50
CA THR A 278 3.75 15.72 -26.30
C THR A 278 2.51 15.56 -25.40
N ASP A 279 1.37 16.07 -25.89
CA ASP A 279 0.20 16.38 -25.07
C ASP A 279 0.58 17.42 -24.00
N PRO A 280 1.07 18.60 -24.43
CA PRO A 280 1.62 19.58 -23.52
C PRO A 280 0.56 20.60 -23.10
N SER A 281 -0.33 20.16 -22.21
CA SER A 281 -1.44 21.00 -21.78
C SER A 281 -1.58 21.29 -20.27
N THR A 282 -1.29 20.37 -19.33
CA THR A 282 -0.67 19.02 -19.45
C THR A 282 0.83 19.01 -19.80
N SER A 283 1.44 20.20 -19.84
CA SER A 283 2.87 20.34 -20.12
C SER A 283 3.65 20.23 -18.82
N GLN A 284 4.02 21.37 -18.24
CA GLN A 284 4.70 21.41 -16.94
C GLN A 284 3.72 21.09 -15.80
N SER A 285 2.44 20.96 -16.18
CA SER A 285 1.34 20.62 -15.25
C SER A 285 1.50 19.21 -14.69
N MET A 286 1.61 18.24 -15.59
CA MET A 286 1.66 16.82 -15.27
C MET A 286 2.99 16.43 -14.61
N LEU A 287 4.05 17.19 -14.91
CA LEU A 287 5.40 16.94 -14.41
C LEU A 287 5.57 17.09 -12.90
N ALA A 288 5.09 18.21 -12.34
CA ALA A 288 5.21 18.50 -10.91
C ALA A 288 4.47 17.48 -10.03
N GLU A 289 3.50 16.77 -10.60
CA GLU A 289 2.84 15.66 -9.91
C GLU A 289 3.73 14.42 -9.92
N ILE A 290 4.13 13.96 -11.11
CA ILE A 290 5.04 12.81 -11.25
C ILE A 290 6.24 12.93 -10.32
N VAL A 291 6.96 14.05 -10.43
CA VAL A 291 8.08 14.34 -9.55
C VAL A 291 7.64 14.20 -8.09
N GLU A 292 6.62 14.97 -7.70
CA GLU A 292 6.14 14.98 -6.32
C GLU A 292 5.83 13.56 -5.88
N ALA A 293 4.91 12.91 -6.60
CA ALA A 293 4.47 11.57 -6.27
C ALA A 293 5.64 10.63 -6.07
N ILE A 294 6.71 10.85 -6.83
CA ILE A 294 7.91 10.04 -6.62
C ILE A 294 8.57 10.40 -5.27
N SER A 295 8.91 11.67 -5.08
CA SER A 295 9.62 12.14 -3.87
C SER A 295 9.04 11.55 -2.60
N ASP A 296 7.72 11.68 -2.46
CA ASP A 296 7.00 11.15 -1.30
C ASP A 296 7.44 9.73 -0.97
N GLN A 297 7.39 8.85 -1.97
CA GLN A 297 7.70 7.44 -1.75
C GLN A 297 9.16 7.23 -1.39
N VAL A 298 10.04 7.95 -2.07
CA VAL A 298 11.49 7.91 -1.80
C VAL A 298 11.76 8.44 -0.42
N PHE A 299 11.08 9.52 -0.06
CA PHE A 299 11.12 10.06 1.29
C PHE A 299 10.58 9.03 2.26
N HIS A 300 9.38 8.52 1.98
CA HIS A 300 8.77 7.54 2.88
C HIS A 300 9.68 6.34 3.05
N ALA A 301 10.38 5.97 1.97
CA ALA A 301 11.36 4.89 2.03
C ALA A 301 12.42 5.19 3.06
N ILE A 302 12.81 6.46 3.16
CA ILE A 302 13.89 6.86 4.05
C ILE A 302 13.48 6.96 5.52
N PHE A 303 12.43 7.72 5.82
CA PHE A 303 12.11 8.01 7.21
C PHE A 303 10.94 7.20 7.71
N ARG A 304 10.20 6.61 6.77
CA ARG A 304 8.98 5.85 7.07
C ARG A 304 7.93 6.68 7.82
N ILE A 305 7.67 7.80 7.16
CA ILE A 305 6.64 8.74 7.47
C ILE A 305 5.90 8.91 6.14
N ASP A 306 4.58 8.95 6.20
CA ASP A 306 3.76 9.20 5.02
C ASP A 306 3.58 10.72 4.87
N PRO A 307 4.49 11.38 4.13
CA PRO A 307 4.41 12.83 4.00
C PRO A 307 2.97 13.35 3.85
N GLN A 308 2.14 12.62 3.10
CA GLN A 308 0.74 12.99 2.90
C GLN A 308 -0.07 13.05 4.19
N ALA A 309 0.14 12.06 5.06
CA ALA A 309 -0.60 11.95 6.33
C ALA A 309 -0.37 13.18 7.18
N ILE A 310 0.85 13.69 7.12
CA ILE A 310 1.20 14.93 7.75
C ILE A 310 0.38 16.05 7.10
N GLN A 311 0.56 16.22 5.79
CA GLN A 311 -0.14 17.25 5.05
C GLN A 311 -1.62 17.27 5.44
N LYS A 312 -2.25 16.11 5.53
CA LYS A 312 -3.64 16.04 5.97
C LYS A 312 -3.77 16.64 7.36
N MET A 313 -3.03 16.08 8.32
CA MET A 313 -3.13 16.53 9.70
C MET A 313 -2.79 18.02 9.84
N ALA A 314 -2.08 18.56 8.84
CA ALA A 314 -1.88 20.00 8.72
C ALA A 314 -3.16 20.65 8.19
N GLU A 315 -3.63 20.20 7.02
CA GLU A 315 -4.90 20.65 6.48
C GLU A 315 -5.99 20.53 7.54
N GLU A 316 -5.76 19.66 8.53
CA GLU A 316 -6.70 19.41 9.61
C GLU A 316 -6.53 20.38 10.75
N GLN A 317 -5.30 20.68 11.11
CA GLN A 317 -5.02 21.70 12.10
C GLN A 317 -5.77 22.98 11.73
N LEU A 318 -5.52 23.42 10.50
CA LEU A 318 -6.04 24.67 9.96
C LEU A 318 -7.56 24.77 10.07
N THR A 319 -8.27 23.70 9.73
CA THR A 319 -9.73 23.71 9.81
C THR A 319 -10.21 23.71 11.25
N THR A 320 -9.56 22.92 12.10
CA THR A 320 -9.97 22.82 13.50
C THR A 320 -9.42 23.96 14.38
N LEU A 321 -8.52 24.76 13.83
CA LEU A 321 -8.15 26.02 14.47
C LEU A 321 -9.09 27.14 14.05
N HIS A 322 -9.51 27.14 12.79
CA HIS A 322 -10.49 28.10 12.28
C HIS A 322 -11.84 27.87 12.97
N VAL A 323 -12.29 26.62 12.99
CA VAL A 323 -13.47 26.20 13.77
C VAL A 323 -13.30 26.65 15.23
N ARG A 324 -12.08 26.46 15.75
CA ARG A 324 -11.70 26.85 17.10
C ARG A 324 -11.74 28.36 17.31
N SER A 325 -11.55 29.13 16.24
CA SER A 325 -11.48 30.60 16.35
C SER A 325 -12.84 31.30 16.31
N GLU A 326 -13.91 30.51 16.21
CA GLU A 326 -15.27 31.02 16.36
C GLU A 326 -15.80 30.78 17.78
N GLN A 327 -14.92 30.23 18.62
CA GLN A 327 -15.11 30.18 20.08
C GLN A 327 -14.32 31.34 20.72
N GLN A 328 -13.00 31.31 20.52
CA GLN A 328 -12.08 32.31 21.07
C GLN A 328 -11.71 33.36 20.03
N THR B 1 -17.44 -23.96 -20.59
CA THR B 1 -16.20 -23.77 -19.78
C THR B 1 -16.56 -23.33 -18.36
N ILE B 2 -16.92 -24.30 -17.53
CA ILE B 2 -17.11 -24.05 -16.09
C ILE B 2 -15.76 -24.05 -15.39
N THR B 3 -15.72 -23.48 -14.20
CA THR B 3 -14.53 -23.54 -13.41
C THR B 3 -14.93 -24.23 -12.12
N LYS B 4 -15.75 -23.55 -11.32
CA LYS B 4 -16.29 -24.18 -10.12
C LYS B 4 -17.70 -23.81 -9.77
N GLU B 5 -18.38 -24.73 -9.11
CA GLU B 5 -19.69 -24.49 -8.55
C GLU B 5 -19.78 -25.15 -7.18
N GLY B 6 -20.93 -25.01 -6.55
CA GLY B 6 -21.18 -25.74 -5.32
C GLY B 6 -21.84 -24.90 -4.26
N MET B 7 -22.11 -25.55 -3.13
CA MET B 7 -22.81 -24.92 -2.03
C MET B 7 -21.84 -24.26 -1.08
N LEU B 8 -22.30 -23.15 -0.52
CA LEU B 8 -21.55 -22.37 0.42
C LEU B 8 -22.59 -21.78 1.33
N HIS B 9 -22.13 -21.20 2.42
CA HIS B 9 -23.00 -20.49 3.32
C HIS B 9 -22.52 -19.07 3.34
N TYR B 10 -23.39 -18.13 3.02
CA TYR B 10 -22.99 -16.74 3.04
C TYR B 10 -23.64 -15.98 4.17
N LYS B 11 -22.80 -15.20 4.85
CA LYS B 11 -23.24 -14.28 5.87
C LYS B 11 -23.70 -12.99 5.22
N ALA B 12 -22.93 -12.51 4.25
CA ALA B 12 -23.19 -11.24 3.55
C ALA B 12 -24.70 -10.97 3.38
N GLY B 13 -25.43 -11.99 2.95
CA GLY B 13 -26.88 -11.96 2.85
C GLY B 13 -27.53 -12.80 3.94
N THR B 14 -28.00 -12.13 4.99
CA THR B 14 -27.92 -10.68 5.04
C THR B 14 -27.61 -10.20 6.46
N SER B 15 -27.93 -8.94 6.77
CA SER B 15 -27.81 -8.44 8.15
C SER B 15 -29.17 -8.02 8.70
N TYR B 16 -29.52 -8.58 9.85
CA TYR B 16 -30.63 -8.07 10.63
C TYR B 16 -30.00 -7.18 11.70
N LEU B 17 -29.95 -7.72 12.91
CA LEU B 17 -29.26 -7.12 14.05
C LEU B 17 -28.63 -8.27 14.84
N GLY B 18 -28.08 -7.95 16.02
CA GLY B 18 -27.52 -8.98 16.92
C GLY B 18 -26.61 -9.93 16.17
N LYS B 19 -25.66 -9.39 15.45
CA LYS B 19 -24.92 -10.09 14.37
C LYS B 19 -25.87 -10.31 13.18
N GLU B 20 -26.14 -11.58 12.86
CA GLU B 20 -26.92 -11.93 11.68
C GLU B 20 -26.98 -13.46 11.47
N HIS B 21 -27.58 -13.87 10.36
CA HIS B 21 -27.64 -15.28 10.00
C HIS B 21 -26.49 -15.67 9.06
N TRP B 22 -26.28 -16.98 8.96
CA TRP B 22 -25.51 -17.57 7.88
C TRP B 22 -26.54 -18.32 7.04
N LYS B 23 -26.83 -17.81 5.84
CA LYS B 23 -27.79 -18.48 4.97
C LYS B 23 -27.02 -19.25 3.91
N THR B 24 -27.62 -20.34 3.41
CA THR B 24 -27.03 -21.13 2.34
C THR B 24 -27.30 -20.46 1.00
N CYS B 25 -26.28 -20.42 0.15
CA CYS B 25 -26.48 -20.04 -1.24
C CYS B 25 -25.73 -20.99 -2.13
N PHE B 26 -25.98 -20.88 -3.43
CA PHE B 26 -25.27 -21.64 -4.43
C PHE B 26 -24.45 -20.67 -5.26
N VAL B 27 -23.20 -21.02 -5.50
CA VAL B 27 -22.29 -20.12 -6.21
C VAL B 27 -21.66 -20.79 -7.42
N VAL B 28 -21.56 -20.05 -8.51
CA VAL B 28 -20.90 -20.54 -9.72
C VAL B 28 -19.88 -19.53 -10.20
N LEU B 29 -18.65 -20.00 -10.41
CA LEU B 29 -17.62 -19.21 -11.08
C LEU B 29 -17.44 -19.71 -12.52
N SER B 30 -18.11 -19.05 -13.46
CA SER B 30 -18.04 -19.44 -14.88
C SER B 30 -17.36 -18.37 -15.73
N ASN B 31 -16.38 -18.80 -16.52
CA ASN B 31 -15.55 -17.90 -17.31
C ASN B 31 -14.83 -16.97 -16.34
N GLY B 32 -15.12 -15.68 -16.40
CA GLY B 32 -14.50 -14.74 -15.49
C GLY B 32 -15.43 -14.30 -14.39
N ILE B 33 -16.69 -14.72 -14.48
CA ILE B 33 -17.74 -14.15 -13.63
C ILE B 33 -18.16 -15.04 -12.47
N LEU B 34 -18.39 -14.42 -11.32
CA LEU B 34 -18.93 -15.11 -10.15
C LEU B 34 -20.41 -14.84 -10.03
N TYR B 35 -21.22 -15.88 -10.19
CA TYR B 35 -22.66 -15.77 -9.99
C TYR B 35 -23.02 -16.40 -8.65
N GLN B 36 -23.87 -15.75 -7.88
CA GLN B 36 -24.37 -16.34 -6.64
C GLN B 36 -25.88 -16.49 -6.66
N TYR B 37 -26.37 -17.72 -6.59
CA TYR B 37 -27.81 -17.97 -6.61
C TYR B 37 -28.33 -18.43 -5.26
N PRO B 38 -29.53 -17.93 -4.87
CA PRO B 38 -30.33 -18.34 -3.73
C PRO B 38 -30.31 -19.84 -3.44
N ASP B 39 -30.57 -20.65 -4.46
CA ASP B 39 -30.32 -22.09 -4.42
C ASP B 39 -30.01 -22.69 -5.80
N ARG B 40 -29.87 -24.01 -5.85
CA ARG B 40 -29.45 -24.76 -7.04
C ARG B 40 -30.24 -24.55 -8.34
N THR B 41 -31.42 -23.91 -8.26
CA THR B 41 -32.23 -23.70 -9.47
C THR B 41 -32.93 -22.32 -9.57
N ASP B 42 -32.85 -21.51 -8.52
CA ASP B 42 -33.46 -20.18 -8.55
C ASP B 42 -32.66 -19.30 -9.49
N VAL B 43 -33.11 -19.24 -10.74
CA VAL B 43 -32.30 -18.70 -11.84
C VAL B 43 -31.89 -17.21 -11.78
N ILE B 44 -32.58 -16.42 -10.97
CA ILE B 44 -32.22 -15.00 -10.78
C ILE B 44 -31.11 -14.83 -9.73
N PRO B 45 -29.90 -14.40 -10.17
CA PRO B 45 -28.73 -14.39 -9.32
C PRO B 45 -28.77 -13.27 -8.31
N LEU B 46 -28.82 -13.64 -7.04
CA LEU B 46 -28.78 -12.70 -5.94
C LEU B 46 -27.70 -11.62 -6.09
N LEU B 47 -26.65 -11.95 -6.84
CA LEU B 47 -25.58 -11.02 -7.18
C LEU B 47 -24.63 -11.69 -8.15
N SER B 48 -24.05 -10.90 -9.05
CA SER B 48 -22.98 -11.36 -9.92
C SER B 48 -21.92 -10.31 -10.01
N VAL B 49 -20.66 -10.76 -10.18
CA VAL B 49 -19.49 -9.86 -10.22
C VAL B 49 -18.46 -10.31 -11.25
N ASN B 50 -17.81 -9.33 -11.86
CA ASN B 50 -16.69 -9.63 -12.73
C ASN B 50 -15.42 -9.60 -11.90
N MET B 51 -14.92 -10.78 -11.52
CA MET B 51 -13.69 -10.90 -10.72
C MET B 51 -12.54 -10.16 -11.39
N GLY B 52 -12.46 -10.30 -12.71
CA GLY B 52 -11.39 -9.73 -13.52
C GLY B 52 -11.22 -8.22 -13.46
N GLY B 53 -12.30 -7.49 -13.23
CA GLY B 53 -12.30 -6.03 -13.38
C GLY B 53 -12.73 -5.20 -12.19
N GLU B 54 -13.03 -3.93 -12.49
CA GLU B 54 -13.22 -2.89 -11.47
C GLU B 54 -14.19 -3.21 -10.33
N GLN B 55 -15.18 -4.05 -10.56
CA GLN B 55 -16.23 -4.24 -9.55
C GLN B 55 -15.78 -5.02 -8.32
N CYS B 56 -14.72 -5.81 -8.47
CA CYS B 56 -14.14 -6.56 -7.38
C CYS B 56 -12.70 -6.14 -7.07
N GLY B 57 -12.34 -6.23 -5.79
CA GLY B 57 -10.99 -5.86 -5.31
C GLY B 57 -10.24 -6.98 -4.62
N GLY B 58 -10.63 -8.23 -4.92
CA GLY B 58 -9.88 -9.41 -4.49
C GLY B 58 -10.55 -10.26 -3.44
N CYS B 59 -9.78 -11.19 -2.88
CA CYS B 59 -10.27 -12.06 -1.82
C CYS B 59 -9.31 -12.15 -0.66
N ARG B 60 -9.87 -12.38 0.51
CA ARG B 60 -9.11 -12.62 1.71
C ARG B 60 -9.77 -13.75 2.47
N ARG B 61 -8.98 -14.48 3.23
CA ARG B 61 -9.53 -15.40 4.19
C ARG B 61 -10.10 -14.57 5.32
N ALA B 62 -11.35 -14.81 5.65
CA ALA B 62 -12.03 -13.98 6.62
C ALA B 62 -11.65 -14.28 8.05
N ASN B 63 -11.85 -13.28 8.88
CA ASN B 63 -11.57 -13.31 10.30
C ASN B 63 -12.46 -14.35 10.97
N THR B 64 -12.06 -15.62 10.82
CA THR B 64 -12.80 -16.77 11.37
C THR B 64 -13.47 -16.44 12.70
N THR B 65 -14.79 -16.32 12.65
CA THR B 65 -15.54 -15.91 13.82
C THR B 65 -16.29 -17.11 14.40
N ASP B 66 -17.52 -17.31 13.94
CA ASP B 66 -18.40 -18.33 14.47
C ASP B 66 -18.40 -19.54 13.53
N ARG B 67 -17.84 -19.33 12.33
CA ARG B 67 -18.00 -20.21 11.20
C ARG B 67 -16.64 -20.57 10.58
N PRO B 68 -16.31 -21.88 10.55
CA PRO B 68 -14.95 -22.45 10.40
C PRO B 68 -14.08 -22.13 9.17
N HIS B 69 -14.61 -22.20 7.95
CA HIS B 69 -13.76 -21.99 6.80
C HIS B 69 -14.25 -20.81 5.97
N ALA B 70 -14.19 -19.63 6.60
CA ALA B 70 -14.77 -18.40 6.05
C ALA B 70 -13.79 -17.57 5.25
N PHE B 71 -14.31 -16.91 4.23
CA PHE B 71 -13.54 -16.03 3.38
C PHE B 71 -14.48 -15.05 2.71
N GLN B 72 -13.95 -14.03 2.06
CA GLN B 72 -14.80 -13.01 1.50
C GLN B 72 -14.31 -12.50 0.15
N VAL B 73 -15.27 -12.07 -0.68
CA VAL B 73 -15.02 -11.56 -2.01
C VAL B 73 -15.17 -10.05 -1.95
N ILE B 74 -14.07 -9.34 -2.21
CA ILE B 74 -14.01 -7.90 -2.03
C ILE B 74 -14.68 -7.14 -3.20
N LEU B 75 -15.72 -6.38 -2.88
CA LEU B 75 -16.47 -5.60 -3.87
C LEU B 75 -16.53 -4.13 -3.48
N SER B 76 -15.98 -3.30 -4.37
CA SER B 76 -15.68 -1.89 -4.10
C SER B 76 -16.91 -1.01 -3.87
N ASP B 77 -17.99 -1.30 -4.59
CA ASP B 77 -19.26 -0.61 -4.38
C ASP B 77 -20.06 -1.40 -3.32
N ARG B 78 -19.26 -2.04 -2.48
CA ARG B 78 -19.48 -2.26 -1.04
C ARG B 78 -20.52 -3.22 -0.50
N PRO B 79 -20.69 -4.35 -1.18
CA PRO B 79 -20.79 -5.44 -0.23
C PRO B 79 -19.36 -5.83 0.08
N CYS B 80 -19.15 -6.61 1.13
CA CYS B 80 -18.24 -7.70 0.87
C CYS B 80 -19.06 -8.96 0.99
N LEU B 81 -18.89 -9.81 -0.02
CA LEU B 81 -19.54 -11.09 -0.08
C LEU B 81 -18.85 -11.99 0.93
N GLU B 82 -19.54 -12.29 2.03
CA GLU B 82 -19.01 -13.15 3.08
C GLU B 82 -19.38 -14.60 2.76
N LEU B 83 -18.44 -15.51 2.95
CA LEU B 83 -18.62 -16.90 2.56
C LEU B 83 -17.94 -17.90 3.48
N SER B 84 -18.58 -19.04 3.69
CA SER B 84 -18.03 -20.13 4.46
C SER B 84 -18.31 -21.47 3.82
N ALA B 85 -17.24 -22.13 3.40
CA ALA B 85 -17.32 -23.49 2.87
C ALA B 85 -17.54 -24.51 3.99
N GLU B 86 -17.44 -25.79 3.65
CA GLU B 86 -17.70 -26.85 4.60
C GLU B 86 -16.42 -27.37 5.24
N SER B 87 -15.34 -27.42 4.47
CA SER B 87 -14.04 -27.93 4.94
C SER B 87 -12.92 -26.98 4.57
N GLU B 88 -11.84 -27.02 5.34
CA GLU B 88 -10.65 -26.24 5.03
C GLU B 88 -10.23 -26.50 3.59
N ALA B 89 -10.20 -27.79 3.23
CA ALA B 89 -9.87 -28.23 1.88
C ALA B 89 -10.72 -27.50 0.83
N GLU B 90 -12.04 -27.47 1.05
CA GLU B 90 -12.98 -26.84 0.12
C GLU B 90 -12.70 -25.35 -0.01
N MET B 91 -12.28 -24.72 1.08
CA MET B 91 -11.99 -23.28 1.03
C MET B 91 -10.68 -22.96 0.33
N ALA B 92 -9.64 -23.73 0.57
CA ALA B 92 -8.42 -23.54 -0.19
C ALA B 92 -8.79 -23.52 -1.68
N GLU B 93 -9.67 -24.44 -2.08
CA GLU B 93 -9.99 -24.66 -3.50
C GLU B 93 -10.70 -23.47 -4.11
N TRP B 94 -11.71 -22.97 -3.42
CA TRP B 94 -12.39 -21.74 -3.82
C TRP B 94 -11.40 -20.60 -3.86
N MET B 95 -10.80 -20.31 -2.71
CA MET B 95 -9.88 -19.19 -2.54
C MET B 95 -8.93 -19.04 -3.71
N GLN B 96 -8.46 -20.17 -4.24
CA GLN B 96 -7.42 -20.18 -5.25
C GLN B 96 -7.95 -19.96 -6.65
N HIS B 97 -9.14 -20.49 -6.94
CA HIS B 97 -9.81 -20.20 -8.21
C HIS B 97 -10.25 -18.75 -8.22
N LEU B 98 -10.86 -18.31 -7.12
CA LEU B 98 -11.37 -16.95 -7.01
C LEU B 98 -10.28 -15.92 -7.18
N CYS B 99 -9.18 -16.11 -6.45
CA CYS B 99 -8.04 -15.21 -6.55
C CYS B 99 -7.28 -15.35 -7.86
N GLN B 100 -7.52 -16.44 -8.56
CA GLN B 100 -6.90 -16.65 -9.85
C GLN B 100 -7.51 -15.71 -10.88
N ALA B 101 -8.84 -15.61 -10.86
CA ALA B 101 -9.56 -14.89 -11.89
C ALA B 101 -9.47 -13.39 -11.69
N VAL B 102 -9.12 -12.99 -10.47
CA VAL B 102 -8.86 -11.58 -10.20
C VAL B 102 -7.58 -11.11 -10.94
N SER B 103 -6.57 -11.98 -10.98
CA SER B 103 -5.30 -11.68 -11.64
C SER B 103 -5.33 -11.89 -13.19
N LYS B 104 -6.52 -11.81 -13.80
CA LYS B 104 -6.69 -12.18 -15.21
C LYS B 104 -7.23 -11.10 -16.18
N GLY B 105 -8.44 -10.60 -15.92
CA GLY B 105 -9.10 -9.61 -16.80
C GLY B 105 -10.21 -10.11 -17.71
#